data_5ZKH
#
_entry.id   5ZKH
#
_cell.length_a   109.710
_cell.length_b   44.371
_cell.length_c   77.472
_cell.angle_alpha   90.000
_cell.angle_beta   111.940
_cell.angle_gamma   90.000
#
_symmetry.space_group_name_H-M   'C 1 2 1'
#
_entity_poly.entity_id   1
_entity_poly.type   'polypeptide(L)'
_entity_poly.pdbx_seq_one_letter_code
;MCVLTLVKDDIKSDILKLVLDYIKVTVVQDNENVKLPEICYDKKITLQYKNKTYKDLFCTLYALIDIYDCYSELFNEDEG
KVSENEEFIFHLASDKYILKQSDMKHLNDLLCEKSYIISNKHASIVDIFYFCAIHKLLDEMAVKERIEFSYIYRWYLHIQ
ETLLANFSTLKKLIVKDSLE
;
_entity_poly.pdbx_strand_id   A,B
#
# COMPACT_ATOMS: atom_id res chain seq x y z
N CYS A 2 19.65 -8.40 -4.19
CA CYS A 2 20.98 -7.80 -4.28
C CYS A 2 21.21 -6.75 -3.19
N VAL A 3 21.02 -5.48 -3.51
CA VAL A 3 21.48 -4.45 -2.59
C VAL A 3 20.31 -3.74 -1.91
N LEU A 4 20.17 -3.96 -0.61
CA LEU A 4 19.09 -3.37 0.17
C LEU A 4 19.63 -2.36 1.19
N THR A 5 19.50 -1.08 0.85
CA THR A 5 19.92 0.01 1.72
C THR A 5 18.83 0.38 2.72
N LEU A 6 19.21 0.52 3.99
CA LEU A 6 18.27 0.84 5.05
C LEU A 6 18.67 2.09 5.82
N VAL A 7 18.00 2.34 6.94
CA VAL A 7 18.30 3.49 7.78
C VAL A 7 18.54 2.98 9.21
N LYS A 8 19.48 3.59 9.92
CA LYS A 8 19.96 3.03 11.18
C LYS A 8 18.90 2.87 12.27
N ASP A 9 18.14 3.92 12.54
CA ASP A 9 17.03 3.82 13.47
C ASP A 9 15.73 4.15 12.76
N ASP A 10 15.25 3.16 12.00
CA ASP A 10 13.99 3.25 11.27
C ASP A 10 13.08 2.08 11.63
N ILE A 11 11.85 2.38 12.04
CA ILE A 11 10.89 1.33 12.32
C ILE A 11 10.59 0.59 11.02
N LYS A 12 10.62 1.31 9.90
CA LYS A 12 10.38 0.71 8.59
C LYS A 12 11.50 -0.26 8.23
N SER A 13 12.73 0.10 8.59
CA SER A 13 13.88 -0.74 8.31
C SER A 13 13.85 -1.96 9.22
N ASP A 14 13.34 -1.78 10.44
CA ASP A 14 13.13 -2.89 11.34
C ASP A 14 12.15 -3.88 10.69
N ILE A 15 11.09 -3.32 10.11
CA ILE A 15 10.09 -4.11 9.41
C ILE A 15 10.73 -4.90 8.27
N LEU A 16 11.55 -4.24 7.46
CA LEU A 16 12.19 -4.92 6.33
C LEU A 16 13.15 -6.02 6.78
N LYS A 17 13.94 -5.74 7.81
CA LYS A 17 14.81 -6.76 8.41
C LYS A 17 14.03 -7.99 8.80
N LEU A 18 12.98 -7.78 9.60
CA LEU A 18 12.16 -8.88 10.08
C LEU A 18 11.47 -9.59 8.92
N VAL A 19 11.22 -8.88 7.83
CA VAL A 19 10.64 -9.50 6.65
C VAL A 19 11.66 -10.43 6.02
N LEU A 20 12.90 -10.01 5.99
CA LEU A 20 13.96 -10.82 5.44
C LEU A 20 14.15 -12.05 6.29
N ASP A 21 14.03 -11.90 7.60
CA ASP A 21 14.13 -13.01 8.50
C ASP A 21 13.00 -13.97 8.27
N TYR A 22 11.81 -13.45 8.02
CA TYR A 22 10.63 -14.23 7.76
C TYR A 22 10.85 -15.04 6.54
N ILE A 23 11.44 -14.41 5.55
CA ILE A 23 11.77 -15.10 4.33
C ILE A 23 12.73 -16.26 4.60
N LYS A 24 13.81 -15.98 5.33
CA LYS A 24 14.83 -16.98 5.65
C LYS A 24 14.22 -18.18 6.38
N VAL A 25 13.52 -17.90 7.46
CA VAL A 25 12.95 -18.93 8.33
C VAL A 25 11.77 -19.69 7.71
N THR A 26 10.92 -18.98 6.97
CA THR A 26 9.61 -19.53 6.60
C THR A 26 9.52 -20.05 5.15
N VAL A 27 10.35 -19.56 4.24
CA VAL A 27 10.13 -19.91 2.83
C VAL A 27 11.34 -20.50 2.08
N VAL A 28 12.56 -20.19 2.51
CA VAL A 28 13.78 -20.57 1.79
C VAL A 28 14.04 -22.09 1.70
N GLN A 29 13.48 -22.90 2.61
CA GLN A 29 13.75 -24.35 2.64
C GLN A 29 15.23 -24.62 2.93
N VAL A 34 19.58 -19.78 -1.30
CA VAL A 34 19.21 -18.64 -2.13
C VAL A 34 19.82 -17.36 -1.56
N LYS A 35 20.10 -16.39 -2.42
CA LYS A 35 20.81 -15.18 -2.00
C LYS A 35 19.88 -14.05 -1.53
N LEU A 36 19.83 -13.87 -0.21
CA LEU A 36 19.15 -12.72 0.37
C LEU A 36 19.94 -11.46 0.02
N PRO A 37 19.31 -10.27 0.17
CA PRO A 37 20.16 -9.10 -0.05
C PRO A 37 21.11 -8.88 1.12
N GLU A 38 22.18 -8.14 0.89
CA GLU A 38 23.06 -7.71 1.97
C GLU A 38 22.66 -6.29 2.32
N ILE A 39 22.91 -5.88 3.55
CA ILE A 39 22.37 -4.62 4.04
C ILE A 39 23.39 -3.49 4.05
N CYS A 40 22.93 -2.32 3.64
CA CYS A 40 23.72 -1.10 3.72
C CYS A 40 22.89 -0.05 4.45
N TYR A 41 23.52 1.03 4.88
CA TYR A 41 22.77 2.04 5.58
C TYR A 41 23.05 3.39 5.00
N ASP A 42 22.01 4.20 4.94
CA ASP A 42 22.04 5.54 4.40
C ASP A 42 20.81 6.29 4.89
N LYS A 43 20.59 7.47 4.34
CA LYS A 43 19.47 8.30 4.67
C LYS A 43 18.07 7.78 4.32
N LYS A 44 17.95 7.03 3.24
CA LYS A 44 16.65 6.58 2.75
C LYS A 44 16.68 5.14 2.30
N ILE A 45 15.66 4.39 2.69
CA ILE A 45 15.46 3.03 2.23
C ILE A 45 15.53 2.94 0.71
N THR A 46 16.25 1.96 0.19
CA THR A 46 16.18 1.65 -1.24
C THR A 46 16.58 0.21 -1.51
N LEU A 47 16.30 -0.26 -2.73
CA LEU A 47 16.68 -1.60 -3.15
C LEU A 47 17.10 -1.62 -4.62
N GLN A 48 18.39 -1.77 -4.85
CA GLN A 48 18.89 -1.95 -6.21
C GLN A 48 18.97 -3.44 -6.48
N TYR A 49 18.16 -3.90 -7.42
CA TYR A 49 18.13 -5.31 -7.79
C TYR A 49 18.22 -5.45 -9.31
N LYS A 50 19.13 -6.32 -9.76
CA LYS A 50 19.45 -6.41 -11.18
C LYS A 50 19.85 -5.05 -11.72
N ASN A 51 19.10 -4.53 -12.68
CA ASN A 51 19.33 -3.19 -13.18
C ASN A 51 18.20 -2.22 -12.82
N LYS A 52 17.25 -2.73 -12.04
CA LYS A 52 16.12 -1.92 -11.57
C LYS A 52 16.40 -1.36 -10.18
N THR A 53 15.87 -0.18 -9.89
CA THR A 53 16.05 0.43 -8.59
C THR A 53 14.71 0.83 -7.96
N TYR A 54 14.35 0.13 -6.89
CA TYR A 54 13.12 0.41 -6.16
C TYR A 54 13.36 1.34 -4.98
N LYS A 55 12.54 2.35 -4.82
CA LYS A 55 12.79 3.30 -3.77
C LYS A 55 11.74 3.33 -2.71
N ASP A 56 12.17 3.50 -1.48
CA ASP A 56 11.31 3.60 -0.33
C ASP A 56 10.80 2.28 0.20
N LEU A 57 10.07 2.31 1.30
CA LEU A 57 9.60 1.09 1.90
C LEU A 57 8.61 0.19 1.22
N PHE A 58 7.51 0.73 0.74
CA PHE A 58 6.52 -0.10 0.10
C PHE A 58 6.96 -0.63 -1.21
N CYS A 59 7.60 0.22 -1.94
CA CYS A 59 8.14 -0.21 -3.22
C CYS A 59 9.09 -1.36 -2.97
N THR A 60 9.95 -1.20 -1.95
CA THR A 60 10.92 -2.22 -1.59
C THR A 60 10.23 -3.46 -1.03
N LEU A 61 9.16 -3.26 -0.26
CA LEU A 61 8.45 -4.37 0.34
C LEU A 61 7.85 -5.25 -0.73
N TYR A 62 7.10 -4.65 -1.63
CA TYR A 62 6.45 -5.42 -2.69
C TYR A 62 7.50 -5.94 -3.67
N ALA A 63 8.63 -5.23 -3.75
CA ALA A 63 9.76 -5.69 -4.55
C ALA A 63 10.26 -7.02 -4.04
N LEU A 64 10.66 -7.04 -2.76
CA LEU A 64 11.11 -8.27 -2.10
C LEU A 64 10.07 -9.38 -2.19
N ILE A 65 8.83 -9.03 -1.88
CA ILE A 65 7.69 -9.95 -1.95
C ILE A 65 7.63 -10.59 -3.33
N ASP A 66 7.91 -9.79 -4.36
CA ASP A 66 7.96 -10.27 -5.73
C ASP A 66 9.18 -11.17 -5.97
N ILE A 67 10.36 -10.68 -5.59
CA ILE A 67 11.61 -11.37 -5.78
C ILE A 67 11.59 -12.78 -5.17
N TYR A 68 11.08 -12.84 -3.96
CA TYR A 68 11.04 -14.07 -3.22
C TYR A 68 9.72 -14.80 -3.17
N ASP A 69 8.75 -14.42 -3.99
CA ASP A 69 7.49 -15.13 -4.11
C ASP A 69 6.76 -15.46 -2.83
N CYS A 70 6.72 -14.52 -1.90
CA CYS A 70 6.07 -14.79 -0.63
C CYS A 70 4.77 -14.07 -0.39
N TYR A 71 4.15 -13.58 -1.43
CA TYR A 71 2.93 -12.85 -1.24
C TYR A 71 1.83 -13.68 -0.68
N SER A 72 1.70 -14.90 -1.13
CA SER A 72 0.57 -15.68 -0.65
C SER A 72 0.74 -16.00 0.83
N GLU A 73 1.99 -16.08 1.27
CA GLU A 73 2.30 -16.31 2.67
C GLU A 73 2.16 -15.05 3.52
N LEU A 74 2.85 -13.99 3.10
CA LEU A 74 2.87 -12.74 3.86
C LEU A 74 1.49 -12.10 4.01
N PHE A 75 0.61 -12.36 3.05
CA PHE A 75 -0.72 -11.76 3.05
C PHE A 75 -1.87 -12.77 3.19
N ASN A 76 -1.54 -14.00 3.60
CA ASN A 76 -2.55 -15.02 3.90
C ASN A 76 -3.58 -15.27 2.81
N GLU A 77 -3.11 -15.59 1.61
CA GLU A 77 -4.02 -15.81 0.49
C GLU A 77 -4.79 -17.12 0.67
N ASP A 78 -4.25 -18.04 1.46
CA ASP A 78 -4.94 -19.30 1.77
C ASP A 78 -6.35 -19.04 2.28
N GLU A 79 -6.45 -18.15 3.26
CA GLU A 79 -7.70 -17.87 3.93
C GLU A 79 -8.46 -16.73 3.27
N GLY A 80 -7.89 -16.19 2.20
CA GLY A 80 -8.47 -15.05 1.52
C GLY A 80 -8.60 -13.87 2.46
N LYS A 81 -7.51 -13.56 3.14
CA LYS A 81 -7.49 -12.46 4.10
C LYS A 81 -6.42 -11.45 3.72
N VAL A 82 -6.21 -11.31 2.41
CA VAL A 82 -5.29 -10.32 1.88
C VAL A 82 -5.76 -8.94 2.27
N SER A 83 -7.06 -8.71 2.09
CA SER A 83 -7.67 -7.43 2.39
C SER A 83 -7.47 -7.05 3.84
N GLU A 84 -7.78 -7.97 4.75
CA GLU A 84 -7.59 -7.71 6.19
C GLU A 84 -6.15 -7.33 6.53
N ASN A 85 -5.20 -8.11 6.00
CA ASN A 85 -3.79 -7.83 6.20
C ASN A 85 -3.39 -6.43 5.76
N GLU A 86 -3.65 -6.13 4.49
CA GLU A 86 -3.29 -4.82 3.97
C GLU A 86 -4.02 -3.73 4.77
N GLU A 87 -5.26 -3.97 5.19
CA GLU A 87 -6.01 -2.96 5.93
C GLU A 87 -5.35 -2.65 7.27
N PHE A 88 -4.83 -3.69 7.92
CA PHE A 88 -4.12 -3.51 9.17
C PHE A 88 -2.78 -2.79 9.00
N ILE A 89 -1.96 -3.24 8.05
CA ILE A 89 -0.65 -2.60 7.87
C ILE A 89 -0.79 -1.18 7.33
N PHE A 90 -1.81 -0.93 6.52
CA PHE A 90 -2.05 0.39 5.97
C PHE A 90 -2.55 1.31 7.06
N HIS A 91 -3.46 0.79 7.90
CA HIS A 91 -3.93 1.55 9.04
C HIS A 91 -2.77 1.95 9.95
N LEU A 92 -1.88 0.98 10.22
CA LEU A 92 -0.74 1.25 11.10
C LEU A 92 0.19 2.30 10.50
N ALA A 93 0.54 2.12 9.23
CA ALA A 93 1.49 3.01 8.57
C ALA A 93 0.91 4.41 8.40
N SER A 94 -0.41 4.48 8.25
CA SER A 94 -1.11 5.75 8.11
C SER A 94 -1.14 6.48 9.44
N ASP A 95 -1.18 5.72 10.53
CA ASP A 95 -1.10 6.30 11.87
C ASP A 95 0.36 6.49 12.28
N LYS A 96 1.26 6.44 11.29
CA LYS A 96 2.70 6.62 11.49
C LYS A 96 3.29 5.66 12.52
N TYR A 97 2.80 4.42 12.51
CA TYR A 97 3.29 3.32 13.36
C TYR A 97 3.14 3.58 14.85
N ILE A 98 2.26 4.50 15.22
CA ILE A 98 1.96 4.76 16.62
C ILE A 98 0.68 4.02 17.03
N LEU A 99 0.76 3.29 18.14
CA LEU A 99 -0.37 2.50 18.60
C LEU A 99 -0.99 3.07 19.87
N LYS A 100 -2.27 3.43 19.79
CA LYS A 100 -2.99 3.90 20.97
C LYS A 100 -3.18 2.74 21.92
N GLN A 101 -3.40 3.04 23.19
CA GLN A 101 -3.57 2.00 24.20
C GLN A 101 -4.84 1.19 23.98
N SER A 102 -5.81 1.77 23.28
CA SER A 102 -7.04 1.04 22.96
C SER A 102 -6.77 -0.01 21.89
N ASP A 103 -5.94 0.35 20.91
CA ASP A 103 -5.52 -0.58 19.87
C ASP A 103 -4.77 -1.70 20.58
N MET A 104 -4.01 -1.30 21.60
CA MET A 104 -3.26 -2.23 22.44
C MET A 104 -4.16 -3.22 23.16
N LYS A 105 -5.30 -2.75 23.67
CA LYS A 105 -6.19 -3.63 24.42
C LYS A 105 -7.00 -4.50 23.45
N HIS A 106 -7.21 -3.97 22.23
CA HIS A 106 -7.98 -4.68 21.19
C HIS A 106 -7.16 -5.86 20.82
N LEU A 107 -5.91 -5.55 20.55
CA LEU A 107 -4.96 -6.51 20.03
C LEU A 107 -4.89 -7.70 20.97
N ASN A 108 -4.93 -7.43 22.25
CA ASN A 108 -5.00 -8.49 23.24
C ASN A 108 -6.30 -9.27 23.15
N ASP A 109 -7.41 -8.56 22.92
CA ASP A 109 -8.70 -9.24 22.79
C ASP A 109 -8.76 -10.13 21.54
N LEU A 110 -8.04 -9.71 20.51
CA LEU A 110 -7.97 -10.41 19.23
C LEU A 110 -7.04 -11.59 19.28
N LEU A 111 -5.99 -11.46 20.10
CA LEU A 111 -5.02 -12.54 20.24
C LEU A 111 -5.50 -13.53 21.28
N CYS A 112 -6.73 -13.31 21.75
CA CYS A 112 -7.38 -14.20 22.70
C CYS A 112 -7.57 -15.56 22.03
N GLU A 113 -8.26 -15.57 20.90
CA GLU A 113 -8.52 -16.79 20.18
C GLU A 113 -7.45 -17.12 19.13
N LYS A 114 -7.11 -16.14 18.30
CA LYS A 114 -6.17 -16.34 17.22
C LYS A 114 -4.72 -16.44 17.71
N SER A 115 -3.96 -17.38 17.14
CA SER A 115 -2.53 -17.50 17.44
C SER A 115 -1.77 -16.26 16.98
N TYR A 116 -2.21 -15.72 15.86
CA TYR A 116 -1.59 -14.57 15.23
C TYR A 116 -2.65 -13.50 15.04
N ILE A 117 -2.26 -12.31 14.57
CA ILE A 117 -3.20 -11.19 14.56
C ILE A 117 -4.32 -11.41 13.55
N ILE A 118 -4.01 -11.98 12.39
CA ILE A 118 -5.03 -12.13 11.36
C ILE A 118 -5.24 -13.57 10.92
N SER A 119 -4.15 -14.30 10.71
CA SER A 119 -4.22 -15.68 10.25
C SER A 119 -4.43 -16.62 11.43
N ASN A 120 -5.10 -17.74 11.20
CA ASN A 120 -5.21 -18.79 12.20
C ASN A 120 -4.09 -19.79 12.03
N LYS A 121 -3.30 -19.61 10.96
CA LYS A 121 -2.26 -20.56 10.59
C LYS A 121 -0.87 -20.13 11.00
N HIS A 122 -0.37 -19.08 10.36
CA HIS A 122 1.01 -18.66 10.57
C HIS A 122 1.16 -17.13 10.59
N ALA A 123 2.38 -16.68 10.86
CA ALA A 123 2.68 -15.26 10.94
C ALA A 123 2.37 -14.54 9.64
N SER A 124 1.88 -13.31 9.76
CA SER A 124 1.52 -12.50 8.61
C SER A 124 2.38 -11.25 8.52
N ILE A 125 2.23 -10.48 7.44
CA ILE A 125 2.91 -9.21 7.32
C ILE A 125 2.43 -8.27 8.43
N VAL A 126 1.17 -8.44 8.82
CA VAL A 126 0.59 -7.66 9.90
C VAL A 126 1.32 -7.91 11.18
N ASP A 127 1.51 -9.19 11.49
CA ASP A 127 2.22 -9.61 12.68
C ASP A 127 3.59 -8.94 12.73
N ILE A 128 4.28 -8.93 11.60
CA ILE A 128 5.60 -8.29 11.48
C ILE A 128 5.53 -6.80 11.81
N PHE A 129 4.64 -6.10 11.10
CA PHE A 129 4.46 -4.65 11.29
C PHE A 129 4.16 -4.28 12.74
N TYR A 130 3.16 -4.94 13.33
CA TYR A 130 2.77 -4.64 14.71
C TYR A 130 3.81 -5.09 15.72
N PHE A 131 4.57 -6.12 15.38
CA PHE A 131 5.67 -6.55 16.23
C PHE A 131 6.69 -5.45 16.35
N CYS A 132 7.18 -4.99 15.19
CA CYS A 132 8.17 -3.93 15.19
C CYS A 132 7.63 -2.66 15.84
N ALA A 133 6.33 -2.42 15.64
CA ALA A 133 5.72 -1.18 16.11
C ALA A 133 5.44 -1.20 17.60
N ILE A 134 5.33 -2.39 18.18
CA ILE A 134 5.06 -2.52 19.61
C ILE A 134 6.33 -2.79 20.42
N HIS A 135 7.35 -3.35 19.75
CA HIS A 135 8.64 -3.62 20.39
C HIS A 135 9.21 -2.40 21.11
N ALA A 142 5.70 -2.83 32.37
CA ALA A 142 6.41 -4.09 32.23
C ALA A 142 5.55 -5.27 32.66
N VAL A 143 5.68 -5.65 33.94
CA VAL A 143 4.99 -6.82 34.49
C VAL A 143 3.47 -6.67 34.46
N LYS A 144 3.00 -5.46 34.78
CA LYS A 144 1.58 -5.17 34.81
C LYS A 144 0.96 -5.39 33.43
N GLU A 145 1.66 -4.91 32.40
CA GLU A 145 1.22 -5.12 31.03
C GLU A 145 1.29 -6.60 30.68
N ARG A 146 2.36 -7.26 31.11
CA ARG A 146 2.57 -8.66 30.76
C ARG A 146 1.47 -9.55 31.33
N ILE A 147 0.88 -9.18 32.46
CA ILE A 147 -0.20 -9.99 33.02
C ILE A 147 -1.58 -9.52 32.59
N GLU A 148 -1.74 -8.20 32.43
CA GLU A 148 -3.01 -7.64 31.96
C GLU A 148 -3.26 -7.92 30.48
N PHE A 149 -2.21 -7.82 29.67
CA PHE A 149 -2.30 -8.05 28.24
C PHE A 149 -1.58 -9.35 27.86
N SER A 150 -1.94 -10.42 28.56
CA SER A 150 -1.26 -11.70 28.44
C SER A 150 -1.15 -12.25 27.01
N TYR A 151 -2.26 -12.21 26.26
CA TYR A 151 -2.25 -12.72 24.88
C TYR A 151 -1.27 -11.98 23.98
N ILE A 152 -1.20 -10.66 24.13
CA ILE A 152 -0.20 -9.89 23.39
C ILE A 152 1.21 -10.29 23.78
N TYR A 153 1.45 -10.48 25.07
CA TYR A 153 2.78 -10.84 25.55
C TYR A 153 3.20 -12.19 24.99
N ARG A 154 2.30 -13.17 25.08
CA ARG A 154 2.52 -14.49 24.51
C ARG A 154 2.84 -14.42 23.02
N TRP A 155 1.99 -13.74 22.27
CA TRP A 155 2.19 -13.58 20.83
C TRP A 155 3.55 -12.96 20.52
N TYR A 156 3.91 -11.93 21.29
CA TYR A 156 5.16 -11.22 21.13
C TYR A 156 6.34 -12.13 21.36
N LEU A 157 6.32 -12.86 22.47
CA LEU A 157 7.38 -13.81 22.81
C LEU A 157 7.52 -14.85 21.71
N HIS A 158 6.38 -15.32 21.23
CA HIS A 158 6.32 -16.35 20.20
C HIS A 158 6.99 -15.89 18.91
N ILE A 159 6.64 -14.69 18.48
CA ILE A 159 7.25 -14.08 17.29
C ILE A 159 8.75 -13.85 17.50
N GLN A 160 9.08 -13.33 18.68
CA GLN A 160 10.46 -13.03 19.04
C GLN A 160 11.36 -14.26 18.92
N GLU A 161 10.89 -15.39 19.42
CA GLU A 161 11.70 -16.61 19.37
C GLU A 161 11.65 -17.32 18.02
N THR A 162 10.50 -17.29 17.37
CA THR A 162 10.33 -18.01 16.11
C THR A 162 10.89 -17.31 14.86
N LEU A 163 10.74 -15.99 14.83
CA LEU A 163 11.14 -15.22 13.67
C LEU A 163 12.40 -14.43 13.67
N LEU A 164 12.78 -13.85 14.79
CA LEU A 164 14.00 -13.05 14.80
C LEU A 164 15.15 -13.95 14.48
N ALA A 165 15.99 -13.55 13.56
CA ALA A 165 17.12 -14.37 13.21
C ALA A 165 18.38 -13.63 12.80
N ASN A 166 18.82 -13.84 11.56
CA ASN A 166 20.07 -13.28 11.08
C ASN A 166 20.20 -11.76 11.12
N PHE A 167 19.16 -11.04 10.75
CA PHE A 167 19.25 -9.58 10.79
C PHE A 167 18.63 -9.17 12.09
N SER A 168 17.48 -8.52 12.03
CA SER A 168 16.71 -8.16 13.22
C SER A 168 17.25 -7.13 14.24
N THR A 169 16.46 -6.91 15.28
CA THR A 169 16.69 -5.91 16.31
C THR A 169 16.94 -6.48 17.70
N LEU A 170 16.60 -5.71 18.71
CA LEU A 170 16.77 -6.04 20.12
C LEU A 170 15.86 -7.14 20.59
N LYS A 171 16.20 -7.78 21.69
CA LYS A 171 15.42 -8.90 22.20
C LYS A 171 14.98 -8.67 23.65
N CYS B 2 2.20 -6.32 -19.78
CA CYS B 2 1.66 -7.10 -20.88
C CYS B 2 0.17 -7.29 -20.77
N VAL B 3 -0.27 -8.35 -20.09
CA VAL B 3 -1.70 -8.58 -19.95
C VAL B 3 -2.29 -8.32 -18.58
N LEU B 4 -3.24 -7.41 -18.49
CA LEU B 4 -3.83 -7.07 -17.21
C LEU B 4 -5.26 -7.47 -17.08
N THR B 5 -5.55 -8.33 -16.13
CA THR B 5 -6.92 -8.75 -15.84
C THR B 5 -7.56 -7.94 -14.71
N LEU B 6 -8.79 -7.49 -14.92
CA LEU B 6 -9.52 -6.68 -13.94
C LEU B 6 -10.88 -7.26 -13.56
N VAL B 7 -11.69 -6.48 -12.86
CA VAL B 7 -13.01 -6.90 -12.40
C VAL B 7 -14.05 -5.89 -12.83
N LYS B 8 -15.23 -6.35 -13.22
CA LYS B 8 -16.25 -5.49 -13.78
C LYS B 8 -16.80 -4.37 -12.95
N ASP B 9 -17.03 -4.56 -11.67
CA ASP B 9 -17.54 -3.47 -10.87
C ASP B 9 -16.73 -3.34 -9.63
N ASP B 10 -15.49 -2.85 -9.75
CA ASP B 10 -14.65 -2.73 -8.59
C ASP B 10 -13.96 -1.42 -8.51
N ILE B 11 -13.94 -0.75 -7.36
CA ILE B 11 -13.21 0.49 -7.33
C ILE B 11 -11.75 0.29 -7.62
N LYS B 12 -11.17 -0.77 -7.12
CA LYS B 12 -9.80 -1.08 -7.31
C LYS B 12 -9.49 -1.27 -8.77
N SER B 13 -10.34 -1.93 -9.51
CA SER B 13 -10.13 -2.11 -10.93
C SER B 13 -10.14 -0.78 -11.65
N ASP B 14 -11.03 0.10 -11.26
CA ASP B 14 -11.13 1.39 -11.88
C ASP B 14 -9.87 2.18 -11.65
N ILE B 15 -9.32 2.05 -10.46
CA ILE B 15 -8.09 2.70 -10.06
C ILE B 15 -6.95 2.31 -10.99
N LEU B 16 -6.82 1.01 -11.26
CA LEU B 16 -5.74 0.54 -12.13
C LEU B 16 -5.91 1.06 -13.57
N LYS B 17 -7.15 1.06 -14.05
CA LYS B 17 -7.50 1.63 -15.35
C LYS B 17 -7.04 3.09 -15.46
N LEU B 18 -7.45 3.90 -14.49
CA LEU B 18 -7.10 5.31 -14.45
C LEU B 18 -5.59 5.50 -14.30
N VAL B 19 -4.92 4.54 -13.66
CA VAL B 19 -3.47 4.56 -13.53
C VAL B 19 -2.83 4.38 -14.91
N LEU B 20 -3.38 3.45 -15.69
CA LEU B 20 -2.93 3.25 -17.06
C LEU B 20 -3.15 4.52 -17.89
N ASP B 21 -4.29 5.18 -17.67
CA ASP B 21 -4.58 6.44 -18.35
C ASP B 21 -3.56 7.52 -18.00
N TYR B 22 -3.23 7.58 -16.72
CA TYR B 22 -2.25 8.53 -16.21
C TYR B 22 -0.89 8.28 -16.86
N ILE B 23 -0.56 7.00 -17.03
CA ILE B 23 0.69 6.64 -17.69
C ILE B 23 0.67 7.14 -19.13
N LYS B 24 -0.42 6.86 -19.84
CA LYS B 24 -0.56 7.28 -21.23
C LYS B 24 -0.41 8.79 -21.39
N VAL B 25 -1.19 9.56 -20.64
CA VAL B 25 -1.19 11.02 -20.80
C VAL B 25 0.09 11.70 -20.28
N THR B 26 0.62 11.21 -19.15
CA THR B 26 1.63 11.97 -18.41
C THR B 26 3.08 11.50 -18.61
N VAL B 27 3.28 10.24 -18.98
CA VAL B 27 4.65 9.70 -18.94
C VAL B 27 5.17 9.10 -20.25
N ASP B 30 6.45 11.14 -26.63
CA ASP B 30 6.39 10.72 -28.02
C ASP B 30 7.67 10.01 -28.45
N ASN B 31 8.79 10.39 -27.85
CA ASN B 31 10.07 9.78 -28.18
C ASN B 31 9.97 8.26 -28.03
N GLU B 32 9.61 7.82 -26.82
CA GLU B 32 9.31 6.43 -26.60
C GLU B 32 7.80 6.19 -26.71
N ASN B 33 7.39 5.22 -27.50
CA ASN B 33 5.98 4.82 -27.50
C ASN B 33 5.88 3.35 -27.09
N VAL B 34 5.82 3.16 -25.78
CA VAL B 34 5.86 1.84 -25.15
C VAL B 34 4.50 1.14 -25.14
N LYS B 35 4.55 -0.19 -25.05
CA LYS B 35 3.34 -1.01 -25.12
C LYS B 35 2.68 -1.17 -23.74
N LEU B 36 1.55 -0.50 -23.57
CA LEU B 36 0.71 -0.67 -22.38
C LEU B 36 0.16 -2.09 -22.31
N PRO B 37 -0.33 -2.50 -21.12
CA PRO B 37 -0.94 -3.83 -21.06
C PRO B 37 -2.30 -3.88 -21.76
N GLU B 38 -2.75 -5.08 -22.10
CA GLU B 38 -4.09 -5.26 -22.63
C GLU B 38 -5.00 -5.66 -21.50
N ILE B 39 -6.28 -5.33 -21.62
CA ILE B 39 -7.21 -5.50 -20.51
C ILE B 39 -8.19 -6.67 -20.70
N CYS B 40 -8.35 -7.46 -19.66
CA CYS B 40 -9.36 -8.52 -19.60
C CYS B 40 -10.15 -8.41 -18.30
N TYR B 41 -11.25 -9.14 -18.20
CA TYR B 41 -12.06 -9.09 -17.00
C TYR B 41 -12.42 -10.48 -16.49
N ASP B 42 -11.92 -10.82 -15.31
CA ASP B 42 -12.31 -12.05 -14.63
C ASP B 42 -12.86 -11.68 -13.26
N LYS B 43 -12.71 -12.60 -12.30
CA LYS B 43 -13.25 -12.40 -10.97
C LYS B 43 -12.19 -11.81 -10.06
N LYS B 44 -10.93 -11.93 -10.47
CA LYS B 44 -9.83 -11.39 -9.67
C LYS B 44 -8.82 -10.63 -10.51
N ILE B 45 -8.42 -9.47 -10.02
CA ILE B 45 -7.34 -8.67 -10.60
C ILE B 45 -6.08 -9.54 -10.74
N THR B 46 -5.39 -9.42 -11.88
CA THR B 46 -4.03 -9.98 -12.03
C THR B 46 -3.26 -9.18 -13.08
N LEU B 47 -1.96 -9.41 -13.10
CA LEU B 47 -1.10 -8.83 -14.12
C LEU B 47 -0.01 -9.82 -14.49
N GLN B 48 -0.16 -10.41 -15.67
CA GLN B 48 0.86 -11.28 -16.22
C GLN B 48 1.80 -10.47 -17.09
N TYR B 49 3.04 -10.37 -16.65
CA TYR B 49 4.10 -9.65 -17.34
C TYR B 49 5.29 -10.58 -17.45
N LYS B 50 5.84 -10.69 -18.65
CA LYS B 50 6.85 -11.70 -18.93
C LYS B 50 6.22 -13.03 -18.55
N ASN B 51 6.82 -13.75 -17.59
CA ASN B 51 6.23 -14.98 -17.08
C ASN B 51 5.79 -14.88 -15.62
N LYS B 52 5.88 -13.69 -15.05
CA LYS B 52 5.45 -13.48 -13.66
C LYS B 52 4.01 -12.99 -13.60
N THR B 53 3.32 -13.34 -12.52
CA THR B 53 1.92 -12.93 -12.32
C THR B 53 1.74 -12.24 -10.97
N TYR B 54 1.41 -10.96 -11.03
CA TYR B 54 1.16 -10.15 -9.83
C TYR B 54 -0.33 -10.25 -9.52
N LYS B 55 -0.69 -10.40 -8.25
CA LYS B 55 -2.04 -10.87 -7.92
C LYS B 55 -3.14 -9.87 -7.51
N ASP B 56 -2.85 -8.80 -6.79
CA ASP B 56 -3.96 -7.91 -6.42
C ASP B 56 -3.65 -6.45 -6.64
N LEU B 57 -4.50 -5.58 -6.10
CA LEU B 57 -4.42 -4.16 -6.40
C LEU B 57 -3.05 -3.61 -6.16
N PHE B 58 -2.49 -3.82 -4.98
CA PHE B 58 -1.26 -3.14 -4.64
C PHE B 58 -0.03 -3.81 -5.25
N CYS B 59 -0.04 -5.13 -5.35
CA CYS B 59 1.01 -5.85 -6.04
C CYS B 59 1.10 -5.43 -7.50
N THR B 60 -0.06 -5.40 -8.17
CA THR B 60 -0.13 -5.02 -9.57
C THR B 60 0.18 -3.54 -9.74
N LEU B 61 -0.24 -2.72 -8.78
CA LEU B 61 -0.03 -1.28 -8.85
C LEU B 61 1.46 -0.99 -8.80
N TYR B 62 2.15 -1.56 -7.83
CA TYR B 62 3.58 -1.34 -7.70
C TYR B 62 4.34 -2.01 -8.83
N ALA B 63 3.76 -3.07 -9.38
CA ALA B 63 4.33 -3.70 -10.58
C ALA B 63 4.34 -2.69 -11.73
N LEU B 64 3.16 -2.16 -12.04
CA LEU B 64 3.00 -1.14 -13.08
C LEU B 64 3.93 0.04 -12.84
N ILE B 65 3.92 0.54 -11.61
CA ILE B 65 4.77 1.64 -11.19
C ILE B 65 6.25 1.35 -11.47
N ASP B 66 6.68 0.12 -11.25
CA ASP B 66 8.07 -0.25 -11.56
C ASP B 66 8.33 -0.31 -13.07
N ILE B 67 7.49 -1.06 -13.77
CA ILE B 67 7.65 -1.26 -15.22
C ILE B 67 7.76 0.04 -16.02
N TYR B 68 6.81 0.93 -15.80
CA TYR B 68 6.77 2.19 -16.49
C TYR B 68 7.47 3.32 -15.79
N ASP B 69 8.05 3.02 -14.65
CA ASP B 69 8.82 3.97 -13.86
C ASP B 69 8.22 5.34 -13.65
N CYS B 70 6.98 5.35 -13.20
CA CYS B 70 6.27 6.57 -12.96
C CYS B 70 6.14 6.87 -11.51
N TYR B 71 6.96 6.27 -10.67
CA TYR B 71 6.85 6.51 -9.25
C TYR B 71 7.07 7.94 -8.87
N SER B 72 8.07 8.59 -9.43
CA SER B 72 8.40 9.95 -9.01
C SER B 72 7.26 10.94 -9.27
N GLU B 73 6.47 10.67 -10.30
CA GLU B 73 5.34 11.52 -10.62
C GLU B 73 4.14 11.21 -9.72
N LEU B 74 3.79 9.93 -9.66
CA LEU B 74 2.64 9.46 -8.90
C LEU B 74 2.77 9.80 -7.42
N PHE B 75 4.00 9.90 -6.93
CA PHE B 75 4.21 10.16 -5.50
C PHE B 75 4.91 11.48 -5.22
N ASN B 76 4.98 12.34 -6.22
CA ASN B 76 5.49 13.70 -6.06
C ASN B 76 6.85 13.74 -5.37
N GLU B 77 7.80 12.99 -5.91
CA GLU B 77 9.13 12.90 -5.32
C GLU B 77 9.89 14.19 -5.51
N ASP B 78 9.54 14.91 -6.58
CA ASP B 78 10.06 16.24 -6.86
C ASP B 78 9.85 17.16 -5.65
N GLU B 79 8.62 17.13 -5.15
CA GLU B 79 8.19 18.02 -4.09
C GLU B 79 8.45 17.42 -2.74
N GLY B 80 9.03 16.23 -2.74
CA GLY B 80 9.31 15.51 -1.51
C GLY B 80 8.06 15.29 -0.71
N LYS B 81 7.01 14.79 -1.36
CA LYS B 81 5.74 14.54 -0.68
C LYS B 81 5.27 13.10 -0.82
N VAL B 82 6.22 12.17 -0.85
CA VAL B 82 5.91 10.74 -0.93
C VAL B 82 5.13 10.24 0.29
N SER B 83 5.58 10.62 1.48
CA SER B 83 4.97 10.20 2.73
C SER B 83 3.50 10.60 2.79
N GLU B 84 3.25 11.85 2.44
CA GLU B 84 1.90 12.42 2.40
C GLU B 84 0.97 11.61 1.50
N ASN B 85 1.45 11.36 0.28
CA ASN B 85 0.73 10.54 -0.70
C ASN B 85 0.39 9.17 -0.11
N GLU B 86 1.42 8.50 0.41
CA GLU B 86 1.26 7.18 0.98
C GLU B 86 0.21 7.19 2.06
N GLU B 87 0.29 8.16 2.95
CA GLU B 87 -0.62 8.22 4.08
C GLU B 87 -2.06 8.52 3.69
N PHE B 88 -2.26 9.34 2.66
CA PHE B 88 -3.63 9.57 2.20
C PHE B 88 -4.23 8.31 1.56
N ILE B 89 -3.51 7.70 0.61
CA ILE B 89 -4.10 6.52 -0.04
C ILE B 89 -4.22 5.35 0.93
N PHE B 90 -3.31 5.28 1.91
CA PHE B 90 -3.35 4.23 2.92
C PHE B 90 -4.50 4.44 3.88
N HIS B 91 -4.71 5.70 4.27
CA HIS B 91 -5.86 6.01 5.11
C HIS B 91 -7.11 5.58 4.37
N LEU B 92 -7.16 5.88 3.07
CA LEU B 92 -8.32 5.53 2.26
C LEU B 92 -8.53 4.03 2.21
N ALA B 93 -7.46 3.29 1.96
CA ALA B 93 -7.52 1.83 1.80
C ALA B 93 -7.88 1.16 3.12
N SER B 94 -7.46 1.77 4.23
CA SER B 94 -7.76 1.26 5.56
C SER B 94 -9.22 1.47 5.89
N ASP B 95 -9.79 2.56 5.37
CA ASP B 95 -11.21 2.82 5.51
C ASP B 95 -12.01 2.12 4.41
N LYS B 96 -11.37 1.15 3.75
CA LYS B 96 -11.98 0.36 2.68
C LYS B 96 -12.56 1.23 1.55
N TYR B 97 -11.84 2.31 1.23
CA TYR B 97 -12.22 3.19 0.13
C TYR B 97 -13.59 3.83 0.36
N ILE B 98 -14.00 3.88 1.61
CA ILE B 98 -15.27 4.51 1.99
C ILE B 98 -15.05 5.93 2.47
N LEU B 99 -15.79 6.88 1.91
CA LEU B 99 -15.66 8.28 2.28
C LEU B 99 -16.89 8.82 3.01
N LYS B 100 -16.69 9.22 4.26
CA LYS B 100 -17.74 9.84 5.06
C LYS B 100 -18.02 11.27 4.60
N GLN B 101 -19.21 11.78 4.93
CA GLN B 101 -19.56 13.15 4.60
C GLN B 101 -18.67 14.12 5.37
N SER B 102 -18.10 13.63 6.47
CA SER B 102 -17.19 14.43 7.29
C SER B 102 -15.90 14.66 6.53
N ASP B 103 -15.46 13.64 5.80
CA ASP B 103 -14.28 13.74 4.94
C ASP B 103 -14.48 14.73 3.81
N MET B 104 -15.67 14.76 3.25
CA MET B 104 -15.99 15.60 2.10
C MET B 104 -15.79 17.10 2.39
N LYS B 105 -16.16 17.52 3.59
CA LYS B 105 -16.14 18.93 3.94
C LYS B 105 -14.73 19.42 4.22
N HIS B 106 -13.85 18.51 4.64
CA HIS B 106 -12.46 18.87 4.88
C HIS B 106 -11.58 18.71 3.63
N LEU B 107 -11.92 17.71 2.83
CA LEU B 107 -11.31 17.51 1.52
C LEU B 107 -11.58 18.68 0.61
N ASN B 108 -12.80 19.19 0.69
CA ASN B 108 -13.16 20.37 -0.09
C ASN B 108 -12.29 21.56 0.28
N ASP B 109 -12.04 21.71 1.58
CA ASP B 109 -11.18 22.78 2.06
C ASP B 109 -9.73 22.58 1.63
N LEU B 110 -9.32 21.32 1.48
CA LEU B 110 -7.94 21.03 1.12
C LEU B 110 -7.71 21.36 -0.36
N LEU B 111 -8.77 21.18 -1.16
CA LEU B 111 -8.75 21.48 -2.59
C LEU B 111 -9.08 22.94 -2.93
N CYS B 112 -9.13 23.80 -1.91
CA CYS B 112 -9.55 25.19 -2.10
C CYS B 112 -8.72 26.00 -3.11
N GLU B 113 -7.43 26.15 -2.83
CA GLU B 113 -6.52 26.88 -3.72
C GLU B 113 -5.85 25.90 -4.66
N LYS B 114 -5.50 24.75 -4.09
CA LYS B 114 -4.71 23.74 -4.76
C LYS B 114 -5.48 23.07 -5.91
N SER B 115 -4.79 22.91 -7.03
CA SER B 115 -5.34 22.21 -8.19
C SER B 115 -5.55 20.73 -7.89
N TYR B 116 -4.65 20.18 -7.10
CA TYR B 116 -4.69 18.76 -6.81
C TYR B 116 -4.73 18.54 -5.30
N ILE B 117 -4.94 17.29 -4.88
CA ILE B 117 -5.18 17.02 -3.46
C ILE B 117 -3.92 17.20 -2.63
N ILE B 118 -2.79 16.79 -3.18
CA ILE B 118 -1.53 16.87 -2.46
C ILE B 118 -0.49 17.69 -3.20
N SER B 119 -0.39 17.46 -4.50
CA SER B 119 0.61 18.15 -5.31
C SER B 119 0.16 19.52 -5.76
N ASN B 120 1.14 20.42 -5.88
CA ASN B 120 0.89 21.74 -6.46
C ASN B 120 1.22 21.75 -7.94
N LYS B 121 1.79 20.66 -8.44
CA LYS B 121 2.26 20.60 -9.82
C LYS B 121 1.28 19.84 -10.72
N HIS B 122 1.18 18.53 -10.49
CA HIS B 122 0.35 17.68 -11.34
C HIS B 122 -0.37 16.63 -10.50
N ALA B 123 -1.24 15.87 -11.15
CA ALA B 123 -2.03 14.85 -10.45
C ALA B 123 -1.13 13.82 -9.77
N SER B 124 -1.58 13.37 -8.60
CA SER B 124 -0.84 12.40 -7.82
C SER B 124 -1.63 11.11 -7.73
N ILE B 125 -1.03 10.08 -7.14
CA ILE B 125 -1.73 8.82 -6.94
C ILE B 125 -2.95 9.02 -6.04
N VAL B 126 -2.83 9.98 -5.12
CA VAL B 126 -3.91 10.31 -4.20
C VAL B 126 -5.12 10.79 -5.00
N ASP B 127 -4.84 11.70 -5.93
CA ASP B 127 -5.87 12.23 -6.82
C ASP B 127 -6.61 11.11 -7.53
N ILE B 128 -5.86 10.13 -8.03
CA ILE B 128 -6.46 8.99 -8.72
C ILE B 128 -7.39 8.18 -7.79
N PHE B 129 -6.84 7.76 -6.65
CA PHE B 129 -7.62 6.98 -5.68
C PHE B 129 -8.91 7.69 -5.27
N TYR B 130 -8.81 8.95 -4.90
CA TYR B 130 -9.97 9.72 -4.47
C TYR B 130 -10.93 10.00 -5.62
N PHE B 131 -10.42 10.09 -6.84
CA PHE B 131 -11.26 10.25 -8.01
C PHE B 131 -12.18 9.05 -8.11
N CYS B 132 -11.58 7.86 -8.13
CA CYS B 132 -12.36 6.64 -8.22
C CYS B 132 -13.29 6.46 -7.02
N ALA B 133 -12.84 6.91 -5.85
CA ALA B 133 -13.59 6.68 -4.62
C ALA B 133 -14.76 7.64 -4.44
N ILE B 134 -14.70 8.80 -5.07
CA ILE B 134 -15.78 9.77 -4.97
C ILE B 134 -16.71 9.68 -6.16
N HIS B 135 -16.23 9.15 -7.28
CA HIS B 135 -17.09 9.03 -8.46
C HIS B 135 -18.47 8.43 -8.16
N LYS B 136 -18.49 7.42 -7.29
CA LYS B 136 -19.76 6.80 -6.90
C LYS B 136 -20.61 7.75 -6.06
N LEU B 137 -19.95 8.60 -5.29
CA LEU B 137 -20.61 9.49 -4.34
C LEU B 137 -21.02 10.81 -5.00
N LEU B 138 -20.54 11.03 -6.21
CA LEU B 138 -20.73 12.31 -6.88
C LEU B 138 -21.60 12.19 -8.13
N ASP B 139 -21.61 11.01 -8.74
CA ASP B 139 -22.44 10.78 -9.93
C ASP B 139 -23.91 10.62 -9.55
N GLU B 140 -24.24 11.02 -8.33
CA GLU B 140 -25.61 10.98 -7.83
C GLU B 140 -25.86 12.13 -6.85
N MET B 141 -24.87 13.00 -6.71
CA MET B 141 -24.98 14.16 -5.82
C MET B 141 -25.57 15.35 -6.58
N ALA B 142 -26.53 16.03 -5.95
CA ALA B 142 -27.26 17.11 -6.60
C ALA B 142 -26.40 18.35 -6.83
N VAL B 143 -26.84 19.20 -7.77
CA VAL B 143 -26.07 20.37 -8.19
C VAL B 143 -25.82 21.36 -7.06
N LYS B 144 -26.83 21.60 -6.23
CA LYS B 144 -26.66 22.52 -5.10
C LYS B 144 -25.60 21.98 -4.17
N GLU B 145 -25.69 20.68 -3.89
CA GLU B 145 -24.71 19.98 -3.07
C GLU B 145 -23.36 19.91 -3.77
N ARG B 146 -23.38 19.61 -5.07
CA ARG B 146 -22.16 19.45 -5.86
C ARG B 146 -21.38 20.77 -5.91
N ILE B 147 -22.10 21.86 -5.76
CA ILE B 147 -21.53 23.20 -5.77
C ILE B 147 -21.18 23.62 -4.33
N GLU B 148 -21.85 23.03 -3.35
CA GLU B 148 -21.55 23.32 -1.96
C GLU B 148 -20.10 22.99 -1.67
N PHE B 149 -19.61 21.93 -2.33
CA PHE B 149 -18.21 21.54 -2.25
C PHE B 149 -17.53 21.80 -3.61
N SER B 150 -17.67 23.03 -4.09
CA SER B 150 -17.27 23.42 -5.45
C SER B 150 -15.84 23.06 -5.86
N TYR B 151 -14.88 23.27 -4.98
CA TYR B 151 -13.48 23.04 -5.30
C TYR B 151 -13.26 21.58 -5.71
N ILE B 152 -13.94 20.69 -5.00
CA ILE B 152 -13.95 19.26 -5.30
C ILE B 152 -14.53 19.01 -6.70
N TYR B 153 -15.58 19.73 -7.05
CA TYR B 153 -16.22 19.61 -8.36
C TYR B 153 -15.28 20.01 -9.47
N ARG B 154 -14.64 21.17 -9.32
CA ARG B 154 -13.64 21.65 -10.26
C ARG B 154 -12.53 20.62 -10.44
N TRP B 155 -11.96 20.17 -9.33
CA TRP B 155 -10.91 19.17 -9.35
C TRP B 155 -11.33 17.89 -10.10
N TYR B 156 -12.55 17.41 -9.81
CA TYR B 156 -13.05 16.19 -10.42
C TYR B 156 -13.16 16.36 -11.92
N LEU B 157 -13.78 17.45 -12.34
CA LEU B 157 -13.87 17.75 -13.76
C LEU B 157 -12.47 17.83 -14.36
N HIS B 158 -11.53 18.38 -13.59
CA HIS B 158 -10.20 18.62 -14.13
C HIS B 158 -9.64 17.30 -14.57
N ILE B 159 -9.63 16.42 -13.58
CA ILE B 159 -9.11 15.07 -13.68
C ILE B 159 -9.81 14.26 -14.76
N GLN B 160 -11.13 14.36 -14.79
CA GLN B 160 -11.94 13.66 -15.77
C GLN B 160 -11.52 14.02 -17.20
N GLU B 161 -11.32 15.32 -17.44
CA GLU B 161 -10.99 15.78 -18.78
C GLU B 161 -9.52 15.57 -19.15
N THR B 162 -8.64 15.70 -18.16
CA THR B 162 -7.21 15.57 -18.38
C THR B 162 -6.71 14.13 -18.43
N LEU B 163 -7.34 13.22 -17.69
CA LEU B 163 -6.77 11.90 -17.50
C LEU B 163 -7.50 10.74 -18.19
N LEU B 164 -8.82 10.82 -18.13
CA LEU B 164 -9.64 9.79 -18.69
C LEU B 164 -9.33 9.70 -20.14
N ALA B 165 -9.24 8.47 -20.58
CA ALA B 165 -8.89 8.13 -21.93
C ALA B 165 -9.51 6.80 -22.27
N ASN B 166 -8.87 6.08 -23.16
CA ASN B 166 -9.38 4.81 -23.61
C ASN B 166 -9.56 3.74 -22.54
N PHE B 167 -8.61 3.64 -21.63
CA PHE B 167 -8.66 2.61 -20.60
C PHE B 167 -9.75 2.61 -19.55
N SER B 168 -10.07 3.75 -19.00
CA SER B 168 -11.06 3.79 -17.94
C SER B 168 -12.50 3.67 -18.38
N THR B 169 -13.40 3.49 -17.43
CA THR B 169 -14.80 3.35 -17.78
C THR B 169 -15.71 4.12 -16.85
N LEU B 170 -15.16 5.02 -16.07
CA LEU B 170 -15.98 5.81 -15.18
C LEU B 170 -16.80 6.72 -16.05
N LYS B 171 -18.07 6.89 -15.71
CA LYS B 171 -18.93 7.73 -16.52
C LYS B 171 -19.12 9.10 -15.92
#